data_8PJX
#
_entry.id   8PJX
#
_cell.length_a   68.032
_cell.length_b   68.032
_cell.length_c   117.857
_cell.angle_alpha   90.000
_cell.angle_beta   90.000
_cell.angle_gamma   90.000
#
_symmetry.space_group_name_H-M   'P 43 21 2'
#
loop_
_entity.id
_entity.type
_entity.pdbx_description
1 polymer SAKe6FR
2 non-polymer 'CALCIUM ION'
3 water water
#
_entity_poly.entity_id   1
_entity_poly.type   'polypeptide(L)'
_entity_poly.pdbx_seq_one_letter_code
;GSHMHGHIYAVGGYDGHTHLNSVEAYDPETDTWSFVAPMNTRRSGVGVAVLHNAIYAAGGYDGQDQLNSVERYDVETETW
TFVAPMKHRRSALGITVHHGHIYAVGGYDGHTHLNSVEAYDPETDTWSFVAPMNTRRSGVGVAVLHNAIYAAGGYDGQDQ
LNSVERYDVETETWTFVAPMKHRRSALGITVHHGHIYAVGGYDGHTHLNSVEAYDPETDTWSFVAPMNTRRSGVGVAVLH
NAIYAAGGYDGQDQLNSVERYDVETETWTFVAPMKHRRSALGITVH
;
_entity_poly.pdbx_strand_id   A
#
loop_
_chem_comp.id
_chem_comp.type
_chem_comp.name
_chem_comp.formula
CA non-polymer 'CALCIUM ION' 'Ca 2'
#
# COMPACT_ATOMS: atom_id res chain seq x y z
N HIS A 5 -13.31 -13.08 -1.59
CA HIS A 5 -14.42 -12.64 -2.44
C HIS A 5 -13.84 -12.29 -3.82
N GLY A 6 -12.54 -12.44 -3.99
CA GLY A 6 -11.92 -12.30 -5.32
C GLY A 6 -12.20 -10.99 -6.03
N HIS A 7 -12.29 -9.90 -5.29
CA HIS A 7 -12.47 -8.58 -5.92
C HIS A 7 -11.31 -7.69 -5.48
N ILE A 8 -10.95 -6.73 -6.31
CA ILE A 8 -9.94 -5.73 -5.92
C ILE A 8 -10.66 -4.50 -5.40
N TYR A 9 -10.32 -4.07 -4.19
CA TYR A 9 -10.91 -2.87 -3.63
C TYR A 9 -9.94 -1.69 -3.75
N ALA A 10 -10.44 -0.59 -4.31
CA ALA A 10 -9.67 0.65 -4.42
C ALA A 10 -10.25 1.64 -3.42
N VAL A 11 -9.41 2.11 -2.48
CA VAL A 11 -9.86 2.83 -1.29
C VAL A 11 -9.23 4.23 -1.24
N GLY A 12 -10.09 5.26 -1.20
CA GLY A 12 -9.62 6.63 -1.01
C GLY A 12 -8.69 7.12 -2.09
N GLY A 13 -7.71 7.92 -1.68
CA GLY A 13 -6.83 8.59 -2.62
C GLY A 13 -7.22 10.04 -2.80
N TYR A 14 -6.54 10.65 -3.76
CA TYR A 14 -6.70 12.07 -4.09
C TYR A 14 -6.93 12.17 -5.59
N ASP A 15 -7.94 12.94 -6.02
CA ASP A 15 -8.29 12.94 -7.43
C ASP A 15 -7.79 14.18 -8.16
N GLY A 16 -6.92 14.97 -7.54
CA GLY A 16 -6.47 16.24 -8.08
C GLY A 16 -7.10 17.46 -7.42
N HIS A 17 -8.21 17.29 -6.69
CA HIS A 17 -8.93 18.40 -6.06
C HIS A 17 -9.48 17.97 -4.70
N THR A 18 -9.98 16.74 -4.62
CA THR A 18 -10.66 16.20 -3.45
C THR A 18 -9.87 15.03 -2.86
N HIS A 19 -9.76 14.98 -1.53
CA HIS A 19 -9.34 13.78 -0.81
C HIS A 19 -10.55 12.89 -0.66
N LEU A 20 -10.47 11.65 -1.14
CA LEU A 20 -11.65 10.82 -1.35
C LEU A 20 -11.98 9.94 -0.15
N ASN A 21 -13.27 9.90 0.23
CA ASN A 21 -13.74 8.80 1.06
C ASN A 21 -14.38 7.71 0.21
N SER A 22 -14.36 7.84 -1.12
CA SER A 22 -14.98 6.85 -1.99
C SER A 22 -14.16 5.56 -2.05
N VAL A 23 -14.86 4.48 -2.39
CA VAL A 23 -14.34 3.11 -2.44
C VAL A 23 -15.01 2.41 -3.62
N GLU A 24 -14.23 1.72 -4.46
CA GLU A 24 -14.84 0.94 -5.53
C GLU A 24 -14.19 -0.44 -5.61
N ALA A 25 -14.88 -1.39 -6.24
CA ALA A 25 -14.42 -2.77 -6.26
C ALA A 25 -14.44 -3.31 -7.69
N TYR A 26 -13.41 -4.06 -8.03
CA TYR A 26 -13.22 -4.57 -9.38
C TYR A 26 -13.60 -6.04 -9.45
N ASP A 27 -14.54 -6.37 -10.35
CA ASP A 27 -14.95 -7.75 -10.55
C ASP A 27 -14.20 -8.32 -11.73
N PRO A 28 -13.24 -9.24 -11.54
CA PRO A 28 -12.53 -9.79 -12.69
C PRO A 28 -13.40 -10.66 -13.58
N GLU A 29 -14.55 -11.16 -13.09
CA GLU A 29 -15.44 -11.96 -13.93
C GLU A 29 -16.04 -11.14 -15.06
N THR A 30 -16.31 -9.86 -14.81
CA THR A 30 -16.97 -8.97 -15.76
C THR A 30 -16.10 -7.79 -16.21
N ASP A 31 -14.90 -7.66 -15.67
CA ASP A 31 -14.03 -6.52 -15.97
C ASP A 31 -14.77 -5.19 -15.75
N THR A 32 -15.40 -5.06 -14.59
CA THR A 32 -16.11 -3.83 -14.25
C THR A 32 -15.82 -3.41 -12.83
N TRP A 33 -15.85 -2.09 -12.61
CA TRP A 33 -15.78 -1.50 -11.28
C TRP A 33 -17.17 -1.07 -10.84
N SER A 34 -17.46 -1.25 -9.56
CA SER A 34 -18.68 -0.70 -8.97
C SER A 34 -18.34 -0.08 -7.62
N PHE A 35 -19.12 0.91 -7.23
CA PHE A 35 -18.90 1.58 -5.96
C PHE A 35 -19.42 0.78 -4.77
N VAL A 36 -18.73 1.03 -3.66
CA VAL A 36 -18.91 0.40 -2.39
C VAL A 36 -19.37 1.54 -1.45
N ALA A 37 -19.89 1.19 -0.27
CA ALA A 37 -20.14 2.23 0.73
C ALA A 37 -18.89 3.08 0.93
N PRO A 38 -19.03 4.40 1.00
CA PRO A 38 -17.87 5.25 1.26
C PRO A 38 -17.49 5.23 2.74
N MET A 39 -16.21 5.53 2.97
CA MET A 39 -15.74 5.61 4.33
C MET A 39 -16.32 6.80 5.09
N ASN A 40 -16.26 6.69 6.42
CA ASN A 40 -16.59 7.79 7.30
C ASN A 40 -15.70 8.99 7.05
N THR A 41 -14.42 8.74 6.75
CA THR A 41 -13.43 9.79 6.67
C THR A 41 -12.74 9.77 5.30
N ARG A 42 -12.50 10.96 4.75
CA ARG A 42 -11.69 11.10 3.55
C ARG A 42 -10.27 10.66 3.86
N ARG A 43 -9.66 9.86 2.97
CA ARG A 43 -8.28 9.40 3.22
C ARG A 43 -7.48 9.29 1.94
N SER A 44 -6.51 10.18 1.75
CA SER A 44 -5.44 9.93 0.80
C SER A 44 -4.19 9.56 1.60
N GLY A 45 -3.27 8.86 0.95
CA GLY A 45 -2.11 8.34 1.68
C GLY A 45 -2.50 7.29 2.69
N VAL A 46 -3.59 6.52 2.40
CA VAL A 46 -4.17 5.52 3.30
C VAL A 46 -3.46 4.19 3.09
N GLY A 47 -3.48 3.36 4.12
CA GLY A 47 -3.03 1.96 4.02
C GLY A 47 -4.22 1.06 4.29
N VAL A 48 -4.26 -0.08 3.60
N VAL A 48 -4.28 -0.07 3.57
CA VAL A 48 -5.45 -0.97 3.62
CA VAL A 48 -5.44 -0.97 3.65
C VAL A 48 -5.00 -2.42 3.66
C VAL A 48 -4.97 -2.42 3.69
N ALA A 49 -5.73 -3.24 4.41
CA ALA A 49 -5.47 -4.68 4.44
C ALA A 49 -6.75 -5.40 4.83
N VAL A 50 -6.73 -6.72 4.62
CA VAL A 50 -7.86 -7.59 4.95
C VAL A 50 -7.46 -8.44 6.15
N LEU A 51 -8.29 -8.42 7.20
CA LEU A 51 -8.05 -9.21 8.40
C LEU A 51 -9.35 -9.85 8.86
N HIS A 52 -9.33 -11.18 9.03
CA HIS A 52 -10.50 -11.99 9.39
C HIS A 52 -11.74 -11.51 8.64
N ASN A 53 -11.62 -11.46 7.31
CA ASN A 53 -12.74 -11.21 6.41
C ASN A 53 -13.35 -9.81 6.57
N ALA A 54 -12.55 -8.80 6.90
CA ALA A 54 -12.98 -7.41 6.86
C ALA A 54 -11.85 -6.58 6.28
N ILE A 55 -12.20 -5.44 5.68
CA ILE A 55 -11.21 -4.51 5.12
C ILE A 55 -10.96 -3.38 6.10
N TYR A 56 -9.69 -3.16 6.46
CA TYR A 56 -9.31 -2.07 7.34
C TYR A 56 -8.68 -0.95 6.53
N ALA A 57 -9.07 0.29 6.82
CA ALA A 57 -8.43 1.47 6.25
C ALA A 57 -7.84 2.27 7.38
N ALA A 58 -6.50 2.43 7.38
CA ALA A 58 -5.82 3.03 8.52
C ALA A 58 -5.08 4.27 8.09
N GLY A 59 -5.19 5.33 8.89
CA GLY A 59 -4.39 6.53 8.66
C GLY A 59 -4.81 7.24 7.40
N GLY A 60 -3.87 7.97 6.82
CA GLY A 60 -4.11 8.84 5.73
C GLY A 60 -4.23 10.30 6.13
N TYR A 61 -4.83 11.06 5.21
CA TYR A 61 -4.95 12.51 5.30
C TYR A 61 -6.35 12.85 4.79
N ASP A 62 -7.10 13.66 5.55
CA ASP A 62 -8.51 13.92 5.27
C ASP A 62 -8.73 15.27 4.60
N GLY A 63 -7.63 15.95 4.24
CA GLY A 63 -7.66 17.28 3.71
C GLY A 63 -7.29 18.36 4.71
N GLN A 64 -7.27 18.03 6.00
CA GLN A 64 -6.82 18.96 7.02
C GLN A 64 -5.77 18.38 7.95
N ASP A 65 -5.87 17.08 8.30
CA ASP A 65 -4.89 16.47 9.20
C ASP A 65 -4.44 15.11 8.72
N GLN A 66 -3.24 14.74 9.16
CA GLN A 66 -2.89 13.33 9.15
C GLN A 66 -3.72 12.62 10.20
N LEU A 67 -4.06 11.37 9.92
CA LEU A 67 -5.06 10.65 10.68
C LEU A 67 -4.42 9.53 11.50
N ASN A 68 -4.86 9.39 12.75
CA ASN A 68 -4.62 8.13 13.44
C ASN A 68 -5.86 7.24 13.46
N SER A 69 -6.97 7.72 12.95
CA SER A 69 -8.18 6.92 13.01
C SER A 69 -8.07 5.74 12.05
N VAL A 70 -8.89 4.72 12.31
CA VAL A 70 -8.86 3.45 11.60
C VAL A 70 -10.29 2.97 11.49
N GLU A 71 -10.71 2.56 10.31
CA GLU A 71 -12.09 2.09 10.15
C GLU A 71 -12.11 0.77 9.39
N ARG A 72 -13.21 0.04 9.58
CA ARG A 72 -13.30 -1.37 9.26
CA ARG A 72 -13.30 -1.36 9.23
C ARG A 72 -14.58 -1.58 8.46
N TYR A 73 -14.47 -2.16 7.27
CA TYR A 73 -15.61 -2.41 6.38
C TYR A 73 -16.06 -3.86 6.49
N ASP A 74 -17.35 -4.06 6.76
CA ASP A 74 -17.93 -5.42 6.75
C ASP A 74 -18.73 -5.58 5.46
N VAL A 75 -18.39 -6.56 4.63
CA VAL A 75 -19.05 -6.69 3.30
C VAL A 75 -20.53 -7.06 3.48
N GLU A 76 -20.84 -7.87 4.49
CA GLU A 76 -22.25 -8.28 4.74
C GLU A 76 -23.12 -7.05 5.00
N THR A 77 -22.73 -6.19 5.93
CA THR A 77 -23.57 -5.02 6.32
C THR A 77 -23.28 -3.80 5.44
N GLU A 78 -22.25 -3.86 4.61
CA GLU A 78 -21.85 -2.69 3.78
C GLU A 78 -21.65 -1.46 4.68
N THR A 79 -21.08 -1.66 5.86
CA THR A 79 -20.88 -0.55 6.79
C THR A 79 -19.41 -0.41 7.11
N TRP A 80 -18.97 0.83 7.29
CA TRP A 80 -17.66 1.15 7.83
C TRP A 80 -17.84 1.57 9.29
N THR A 81 -17.05 0.97 10.18
CA THR A 81 -17.10 1.27 11.62
CA THR A 81 -17.11 1.24 11.62
C THR A 81 -15.69 1.59 12.10
N PHE A 82 -15.58 2.66 12.89
CA PHE A 82 -14.28 2.99 13.50
C PHE A 82 -13.90 1.93 14.52
N VAL A 83 -12.59 1.62 14.56
CA VAL A 83 -12.04 0.79 15.63
C VAL A 83 -11.05 1.66 16.41
N ALA A 84 -10.25 1.06 17.27
CA ALA A 84 -9.32 1.84 18.08
C ALA A 84 -8.36 2.62 17.17
N PRO A 85 -8.07 3.89 17.46
CA PRO A 85 -7.08 4.62 16.65
C PRO A 85 -5.64 4.19 16.96
N MET A 86 -4.78 4.45 15.98
CA MET A 86 -3.35 4.16 16.10
C MET A 86 -2.81 5.14 17.14
N LYS A 87 -1.66 4.82 17.75
CA LYS A 87 -1.04 5.82 18.65
C LYS A 87 -0.45 6.99 17.88
N HIS A 88 0.07 6.76 16.68
CA HIS A 88 0.70 7.79 15.86
C HIS A 88 -0.20 8.14 14.68
N ARG A 89 -0.32 9.44 14.39
CA ARG A 89 -0.93 9.82 13.12
C ARG A 89 0.02 9.50 11.98
N ARG A 90 -0.53 8.94 10.90
CA ARG A 90 0.31 8.45 9.82
C ARG A 90 -0.37 8.64 8.48
N SER A 91 0.19 9.48 7.62
N SER A 91 0.21 9.47 7.64
CA SER A 91 -0.17 9.48 6.21
CA SER A 91 -0.11 9.56 6.22
C SER A 91 0.98 8.90 5.41
C SER A 91 1.01 8.90 5.42
N ALA A 92 0.65 8.26 4.30
CA ALA A 92 1.63 7.59 3.42
C ALA A 92 2.38 6.48 4.17
N LEU A 93 1.65 5.78 5.00
CA LEU A 93 2.15 4.63 5.74
C LEU A 93 1.99 3.36 4.90
N GLY A 94 2.65 2.31 5.32
CA GLY A 94 2.39 0.98 4.81
C GLY A 94 1.52 0.22 5.79
N ILE A 95 0.63 -0.62 5.27
CA ILE A 95 -0.25 -1.46 6.06
C ILE A 95 -0.19 -2.87 5.51
N THR A 96 0.00 -3.86 6.40
CA THR A 96 -0.09 -5.27 6.02
C THR A 96 -0.59 -6.07 7.22
N VAL A 97 -0.79 -7.38 7.00
CA VAL A 97 -1.36 -8.27 8.01
C VAL A 97 -0.43 -9.45 8.17
N HIS A 98 -0.19 -9.82 9.43
CA HIS A 98 0.63 -11.00 9.75
C HIS A 98 0.12 -11.61 11.07
N HIS A 99 -0.10 -12.94 11.09
CA HIS A 99 -0.55 -13.68 12.31
C HIS A 99 -1.72 -13.02 13.03
N GLY A 100 -2.74 -12.63 12.29
CA GLY A 100 -3.94 -12.10 12.96
C GLY A 100 -3.81 -10.66 13.39
N HIS A 101 -2.71 -10.00 13.00
CA HIS A 101 -2.53 -8.62 13.43
C HIS A 101 -2.32 -7.71 12.22
N ILE A 102 -2.76 -6.44 12.30
CA ILE A 102 -2.46 -5.43 11.28
C ILE A 102 -1.21 -4.70 11.73
N TYR A 103 -0.28 -4.52 10.81
CA TYR A 103 0.94 -3.77 11.07
C TYR A 103 0.89 -2.47 10.29
N ALA A 104 1.07 -1.36 11.00
CA ALA A 104 1.11 -0.01 10.44
C ALA A 104 2.57 0.43 10.49
N VAL A 105 3.14 0.72 9.33
CA VAL A 105 4.59 0.88 9.18
C VAL A 105 4.90 2.30 8.70
N GLY A 106 5.66 3.06 9.50
CA GLY A 106 6.12 4.32 8.95
C GLY A 106 5.02 5.34 8.68
N GLY A 107 5.27 6.19 7.68
CA GLY A 107 4.36 7.29 7.40
C GLY A 107 4.87 8.64 7.90
N TYR A 108 4.02 9.64 7.73
CA TYR A 108 4.30 11.04 8.04
C TYR A 108 3.23 11.55 8.99
N ASP A 109 3.62 12.20 10.08
CA ASP A 109 2.64 12.58 11.09
C ASP A 109 2.24 14.05 11.03
N GLY A 110 2.65 14.76 9.98
CA GLY A 110 2.40 16.18 9.86
C GLY A 110 3.61 17.03 10.18
N HIS A 111 4.61 16.44 10.82
CA HIS A 111 5.87 17.12 11.07
CA HIS A 111 5.86 17.10 11.17
C HIS A 111 7.08 16.23 10.86
N THR A 112 6.99 14.94 11.17
CA THR A 112 8.12 14.02 11.14
C THR A 112 7.82 12.83 10.27
N HIS A 113 8.84 12.33 9.57
CA HIS A 113 8.73 11.04 8.87
C HIS A 113 9.08 9.93 9.86
N LEU A 114 8.23 8.90 9.96
CA LEU A 114 8.31 7.96 11.07
C LEU A 114 9.13 6.71 10.73
N ASN A 115 9.93 6.24 11.69
CA ASN A 115 10.34 4.83 11.66
C ASN A 115 9.50 3.93 12.58
N SER A 116 8.54 4.50 13.34
CA SER A 116 7.74 3.69 14.25
C SER A 116 6.84 2.72 13.50
N VAL A 117 6.51 1.65 14.19
CA VAL A 117 5.67 0.57 13.69
C VAL A 117 4.76 0.17 14.83
N GLU A 118 3.46 -0.01 14.53
CA GLU A 118 2.46 -0.36 15.51
C GLU A 118 1.72 -1.57 14.99
N ALA A 119 1.23 -2.41 15.89
CA ALA A 119 0.43 -3.57 15.52
C ALA A 119 -0.94 -3.56 16.20
N TYR A 120 -1.95 -3.92 15.42
CA TYR A 120 -3.34 -3.96 15.88
C TYR A 120 -3.79 -5.37 16.22
N ASP A 121 -4.33 -5.53 17.42
CA ASP A 121 -4.86 -6.80 17.88
C ASP A 121 -6.37 -6.72 17.81
N PRO A 122 -7.04 -7.42 16.88
CA PRO A 122 -8.50 -7.32 16.77
C PRO A 122 -9.23 -7.95 17.92
N GLU A 123 -8.58 -8.83 18.69
CA GLU A 123 -9.27 -9.48 19.79
C GLU A 123 -9.47 -8.54 20.96
N THR A 124 -8.54 -7.63 21.21
CA THR A 124 -8.66 -6.67 22.29
C THR A 124 -8.99 -5.28 21.77
N ASP A 125 -8.99 -5.09 20.46
CA ASP A 125 -9.18 -3.77 19.85
C ASP A 125 -8.19 -2.77 20.43
N THR A 126 -6.91 -3.15 20.38
CA THR A 126 -5.83 -2.29 20.89
C THR A 126 -4.65 -2.32 19.94
N TRP A 127 -3.96 -1.19 19.87
CA TRP A 127 -2.69 -1.08 19.16
C TRP A 127 -1.54 -1.17 20.16
N SER A 128 -0.46 -1.79 19.74
CA SER A 128 0.79 -1.83 20.52
C SER A 128 1.99 -1.53 19.64
N PHE A 129 3.02 -0.91 20.22
CA PHE A 129 4.23 -0.69 19.42
C PHE A 129 5.03 -1.98 19.28
N VAL A 130 5.68 -2.13 18.12
CA VAL A 130 6.70 -3.16 17.95
C VAL A 130 8.00 -2.46 17.56
N ALA A 131 8.99 -3.22 17.13
CA ALA A 131 10.30 -2.64 16.81
C ALA A 131 10.15 -1.55 15.74
N PRO A 132 10.70 -0.36 15.95
CA PRO A 132 10.79 0.61 14.84
C PRO A 132 11.78 0.14 13.79
N MET A 133 11.57 0.63 12.57
CA MET A 133 12.52 0.34 11.50
C MET A 133 13.85 1.02 11.76
N ASN A 134 14.87 0.56 11.03
CA ASN A 134 16.18 1.23 11.08
C ASN A 134 16.11 2.63 10.48
N THR A 135 15.31 2.81 9.43
CA THR A 135 15.20 4.03 8.64
C THR A 135 13.78 4.60 8.71
N ARG A 136 13.69 5.92 8.85
CA ARG A 136 12.38 6.58 8.73
C ARG A 136 11.88 6.46 7.30
N ARG A 137 10.58 6.16 7.12
CA ARG A 137 10.04 5.97 5.77
C ARG A 137 8.57 6.40 5.72
N SER A 138 8.28 7.47 5.01
CA SER A 138 6.94 7.71 4.47
C SER A 138 6.92 7.35 2.98
N GLY A 139 5.71 7.08 2.47
CA GLY A 139 5.63 6.59 1.10
C GLY A 139 6.28 5.24 0.92
N VAL A 140 6.23 4.39 1.96
CA VAL A 140 6.88 3.09 2.01
C VAL A 140 5.94 2.04 1.42
N GLY A 141 6.48 0.98 0.84
CA GLY A 141 5.67 -0.17 0.40
C GLY A 141 5.95 -1.36 1.30
N VAL A 142 4.89 -2.09 1.68
N VAL A 142 4.88 -2.03 1.72
CA VAL A 142 5.01 -3.12 2.72
CA VAL A 142 5.08 -3.17 2.60
C VAL A 142 4.24 -4.38 2.34
C VAL A 142 4.38 -4.39 2.05
N ALA A 143 4.90 -5.55 2.45
CA ALA A 143 4.22 -6.81 2.16
C ALA A 143 4.75 -7.90 3.08
N VAL A 144 4.00 -9.01 3.14
CA VAL A 144 4.39 -10.15 3.96
C VAL A 144 4.84 -11.30 3.05
N LEU A 145 5.94 -11.94 3.42
CA LEU A 145 6.42 -13.11 2.69
C LEU A 145 6.99 -14.07 3.72
N HIS A 146 6.30 -15.20 3.91
CA HIS A 146 6.71 -16.25 4.85
C HIS A 146 6.65 -15.65 6.25
N ASN A 147 7.67 -15.82 7.08
CA ASN A 147 7.62 -15.33 8.46
C ASN A 147 8.15 -13.91 8.58
N ALA A 148 7.95 -13.08 7.57
CA ALA A 148 8.56 -11.77 7.64
C ALA A 148 7.71 -10.72 6.92
N ILE A 149 7.83 -9.50 7.42
CA ILE A 149 7.28 -8.31 6.79
C ILE A 149 8.45 -7.58 6.12
N TYR A 150 8.27 -7.17 4.89
CA TYR A 150 9.26 -6.36 4.19
C TYR A 150 8.78 -4.93 4.04
N ALA A 151 9.69 -3.96 4.24
CA ALA A 151 9.41 -2.55 4.03
C ALA A 151 10.42 -2.03 3.02
N ALA A 152 9.93 -1.58 1.86
CA ALA A 152 10.83 -1.22 0.77
C ALA A 152 10.68 0.25 0.41
N GLY A 153 11.82 0.91 0.20
CA GLY A 153 11.76 2.25 -0.34
C GLY A 153 11.20 3.30 0.60
N GLY A 154 10.60 4.32 0.00
CA GLY A 154 10.03 5.43 0.75
C GLY A 154 10.93 6.65 0.74
N TYR A 155 10.69 7.52 1.73
CA TYR A 155 11.32 8.83 1.83
C TYR A 155 11.62 9.08 3.31
N ASP A 156 12.87 9.40 3.63
CA ASP A 156 13.29 9.50 5.02
C ASP A 156 13.18 10.93 5.56
N GLY A 157 12.59 11.84 4.80
CA GLY A 157 12.52 13.24 5.16
C GLY A 157 13.40 14.12 4.29
N GLN A 158 14.44 13.56 3.68
CA GLN A 158 15.19 14.28 2.65
C GLN A 158 15.54 13.46 1.42
N ASP A 159 15.63 12.14 1.50
CA ASP A 159 16.03 11.32 0.35
C ASP A 159 14.96 10.30 0.01
N GLN A 160 14.80 10.05 -1.29
CA GLN A 160 14.11 8.83 -1.72
C GLN A 160 15.04 7.64 -1.53
N LEU A 161 14.48 6.50 -1.17
CA LEU A 161 15.28 5.38 -0.70
C LEU A 161 15.20 4.20 -1.66
N ASN A 162 16.34 3.52 -1.88
CA ASN A 162 16.31 2.19 -2.46
C ASN A 162 16.53 1.09 -1.41
N SER A 163 16.72 1.44 -0.14
CA SER A 163 16.97 0.38 0.83
C SER A 163 15.67 -0.35 1.19
N VAL A 164 15.84 -1.57 1.72
CA VAL A 164 14.75 -2.52 2.00
C VAL A 164 15.06 -3.20 3.32
N GLU A 165 14.05 -3.29 4.18
CA GLU A 165 14.24 -3.90 5.52
C GLU A 165 13.29 -5.08 5.69
N ARG A 166 13.66 -6.02 6.53
CA ARG A 166 12.84 -7.23 6.77
C ARG A 166 12.58 -7.36 8.27
N TYR A 167 11.31 -7.44 8.65
CA TYR A 167 10.96 -7.68 10.06
C TYR A 167 10.78 -9.17 10.27
N ASP A 168 11.67 -9.77 11.04
CA ASP A 168 11.58 -11.21 11.36
C ASP A 168 10.67 -11.34 12.58
N VAL A 169 9.57 -12.05 12.43
CA VAL A 169 8.59 -12.10 13.57
C VAL A 169 9.14 -12.96 14.71
N GLU A 170 10.20 -13.73 14.45
CA GLU A 170 10.81 -14.50 15.56
C GLU A 170 11.76 -13.60 16.34
N THR A 171 12.64 -12.90 15.65
CA THR A 171 13.62 -11.98 16.30
C THR A 171 12.95 -10.68 16.74
N GLU A 172 11.79 -10.37 16.17
CA GLU A 172 11.05 -9.16 16.54
C GLU A 172 11.86 -7.90 16.31
N THR A 173 12.69 -7.89 15.26
CA THR A 173 13.45 -6.71 14.89
C THR A 173 13.58 -6.62 13.38
N TRP A 174 13.97 -5.44 12.90
CA TRP A 174 14.16 -5.18 11.47
C TRP A 174 15.63 -5.26 11.09
N THR A 175 15.91 -5.90 9.96
CA THR A 175 17.26 -5.93 9.40
CA THR A 175 17.24 -6.03 9.38
C THR A 175 17.21 -5.60 7.92
N PHE A 176 18.32 -5.08 7.41
CA PHE A 176 18.40 -4.72 6.01
C PHE A 176 18.62 -5.95 5.15
N VAL A 177 17.98 -5.95 3.98
CA VAL A 177 18.23 -6.97 2.97
C VAL A 177 18.76 -6.25 1.76
N ALA A 178 18.80 -6.91 0.60
CA ALA A 178 19.38 -6.29 -0.59
C ALA A 178 18.57 -5.08 -1.01
N PRO A 179 19.22 -3.97 -1.34
CA PRO A 179 18.48 -2.80 -1.80
C PRO A 179 17.98 -2.97 -3.23
N MET A 180 16.93 -2.22 -3.51
CA MET A 180 16.28 -2.17 -4.79
C MET A 180 17.27 -1.54 -5.79
N LYS A 181 17.12 -1.82 -7.07
CA LYS A 181 18.08 -1.20 -7.99
C LYS A 181 17.80 0.30 -8.15
N HIS A 182 16.53 0.68 -8.07
CA HIS A 182 16.09 2.06 -8.18
C HIS A 182 15.58 2.57 -6.84
N ARG A 183 15.90 3.83 -6.53
CA ARG A 183 15.23 4.50 -5.42
C ARG A 183 13.76 4.73 -5.76
N ARG A 184 12.86 4.44 -4.81
CA ARG A 184 11.42 4.49 -5.09
C ARG A 184 10.68 4.96 -3.86
N SER A 185 10.11 6.17 -3.90
CA SER A 185 9.15 6.58 -2.90
CA SER A 185 9.16 6.66 -2.92
C SER A 185 7.74 6.55 -3.49
N ALA A 186 6.77 6.25 -2.62
CA ALA A 186 5.37 6.10 -3.06
C ALA A 186 5.24 5.02 -4.12
N LEU A 187 5.95 3.93 -3.92
CA LEU A 187 5.88 2.76 -4.79
C LEU A 187 4.74 1.87 -4.32
N GLY A 188 4.38 0.91 -5.16
CA GLY A 188 3.54 -0.22 -4.77
C GLY A 188 4.42 -1.43 -4.50
N ILE A 189 4.01 -2.24 -3.51
CA ILE A 189 4.71 -3.47 -3.12
C ILE A 189 3.67 -4.57 -2.95
N THR A 190 3.88 -5.72 -3.59
CA THR A 190 3.01 -6.89 -3.43
C THR A 190 3.84 -8.15 -3.62
N VAL A 191 3.25 -9.28 -3.29
CA VAL A 191 3.99 -10.57 -3.35
C VAL A 191 3.31 -11.52 -4.34
N HIS A 192 4.08 -12.11 -5.24
CA HIS A 192 3.53 -13.08 -6.21
C HIS A 192 4.46 -14.28 -6.26
N HIS A 193 3.90 -15.48 -6.17
CA HIS A 193 4.73 -16.70 -6.07
C HIS A 193 5.63 -16.45 -4.88
N GLY A 194 6.93 -16.63 -5.01
CA GLY A 194 7.67 -16.37 -3.77
C GLY A 194 8.48 -15.09 -3.89
N HIS A 195 7.96 -14.12 -4.63
CA HIS A 195 8.79 -12.91 -4.89
C HIS A 195 8.05 -11.62 -4.51
N ILE A 196 8.84 -10.60 -4.20
CA ILE A 196 8.24 -9.28 -3.87
C ILE A 196 8.37 -8.40 -5.10
N TYR A 197 7.26 -7.85 -5.55
CA TYR A 197 7.27 -6.95 -6.70
C TYR A 197 7.21 -5.50 -6.22
N ALA A 198 8.17 -4.70 -6.66
CA ALA A 198 8.21 -3.27 -6.40
C ALA A 198 7.79 -2.55 -7.67
N VAL A 199 6.75 -1.74 -7.58
CA VAL A 199 6.08 -1.20 -8.76
C VAL A 199 6.07 0.32 -8.71
N GLY A 200 6.69 0.95 -9.73
CA GLY A 200 6.56 2.39 -9.88
C GLY A 200 7.23 3.15 -8.75
N GLY A 201 6.65 4.29 -8.43
CA GLY A 201 7.18 5.17 -7.42
C GLY A 201 7.86 6.39 -8.02
N TYR A 202 8.64 7.09 -7.19
CA TYR A 202 9.31 8.34 -7.56
C TYR A 202 10.75 8.30 -7.08
N ASP A 203 11.72 8.59 -7.97
CA ASP A 203 13.12 8.33 -7.63
C ASP A 203 13.87 9.61 -7.29
N GLY A 204 13.16 10.71 -7.03
CA GLY A 204 13.76 12.01 -6.86
C GLY A 204 13.85 12.82 -8.12
N HIS A 205 13.59 12.21 -9.29
CA HIS A 205 13.72 12.89 -10.57
C HIS A 205 12.48 12.71 -11.44
N THR A 206 12.02 11.47 -11.61
CA THR A 206 10.82 11.24 -12.40
C THR A 206 9.93 10.21 -11.71
N HIS A 207 8.67 10.17 -12.16
CA HIS A 207 7.75 9.15 -11.73
C HIS A 207 7.95 7.94 -12.62
N LEU A 208 7.99 6.77 -12.02
CA LEU A 208 8.53 5.58 -12.65
C LEU A 208 7.43 4.68 -13.19
N ASN A 209 7.63 4.16 -14.41
CA ASN A 209 6.86 3.03 -14.90
C ASN A 209 7.58 1.70 -14.69
N SER A 210 8.82 1.74 -14.18
CA SER A 210 9.61 0.53 -14.05
C SER A 210 9.12 -0.35 -12.90
N VAL A 211 9.54 -1.62 -12.95
CA VAL A 211 9.14 -2.65 -11.99
C VAL A 211 10.33 -3.56 -11.72
N GLU A 212 10.48 -4.03 -10.48
CA GLU A 212 11.52 -5.01 -10.21
C GLU A 212 11.03 -5.98 -9.14
N ALA A 213 11.69 -7.13 -9.08
CA ALA A 213 11.19 -8.26 -8.29
C ALA A 213 12.30 -8.84 -7.43
N TYR A 214 11.94 -9.14 -6.17
CA TYR A 214 12.89 -9.62 -5.17
C TYR A 214 12.73 -11.12 -4.98
N ASP A 215 13.84 -11.84 -5.12
CA ASP A 215 13.90 -13.28 -4.88
C ASP A 215 14.52 -13.53 -3.51
N PRO A 216 13.74 -13.94 -2.50
CA PRO A 216 14.33 -14.27 -1.20
C PRO A 216 15.28 -15.45 -1.22
N GLU A 217 15.21 -16.33 -2.24
CA GLU A 217 16.13 -17.47 -2.31
C GLU A 217 17.57 -17.02 -2.50
N THR A 218 17.76 -15.85 -3.08
CA THR A 218 19.08 -15.35 -3.43
C THR A 218 19.39 -13.95 -2.92
N ASP A 219 18.42 -13.28 -2.30
CA ASP A 219 18.60 -11.90 -1.82
C ASP A 219 19.05 -10.98 -2.97
N THR A 220 18.33 -11.07 -4.08
CA THR A 220 18.65 -10.24 -5.24
C THR A 220 17.37 -9.67 -5.85
N TRP A 221 17.52 -8.51 -6.48
CA TRP A 221 16.43 -7.87 -7.22
C TRP A 221 16.74 -7.97 -8.72
N SER A 222 15.70 -8.15 -9.52
CA SER A 222 15.88 -8.21 -10.97
C SER A 222 14.75 -7.49 -11.69
N PHE A 223 15.09 -7.08 -12.91
CA PHE A 223 14.21 -6.40 -13.85
C PHE A 223 12.95 -7.20 -14.14
N VAL A 224 11.80 -6.51 -14.12
CA VAL A 224 10.60 -7.06 -14.76
C VAL A 224 10.06 -6.00 -15.73
N ALA A 225 9.25 -6.47 -16.69
CA ALA A 225 8.75 -5.59 -17.73
C ALA A 225 8.08 -4.36 -17.12
N PRO A 226 8.37 -3.16 -17.61
CA PRO A 226 7.77 -1.95 -17.03
C PRO A 226 6.31 -1.81 -17.44
N MET A 227 5.56 -1.03 -16.66
CA MET A 227 4.17 -0.79 -17.05
C MET A 227 4.06 0.24 -18.17
N ASN A 228 2.86 0.32 -18.74
CA ASN A 228 2.62 1.26 -19.83
C ASN A 228 2.65 2.70 -19.34
N THR A 229 2.36 2.92 -18.06
CA THR A 229 2.16 4.24 -17.48
C THR A 229 3.09 4.44 -16.30
N ARG A 230 3.65 5.64 -16.17
CA ARG A 230 4.37 6.04 -14.96
C ARG A 230 3.39 6.20 -13.81
N ARG A 231 3.73 5.65 -12.64
CA ARG A 231 2.79 5.69 -11.50
C ARG A 231 3.59 5.80 -10.21
N SER A 232 3.54 6.97 -9.56
CA SER A 232 3.77 7.04 -8.12
C SER A 232 2.45 7.18 -7.37
N GLY A 233 2.46 6.87 -6.08
CA GLY A 233 1.20 6.84 -5.35
C GLY A 233 0.27 5.75 -5.85
N VAL A 234 0.82 4.64 -6.35
CA VAL A 234 0.08 3.55 -6.98
C VAL A 234 -0.30 2.52 -5.92
N GLY A 235 -1.38 1.79 -6.15
CA GLY A 235 -1.73 0.63 -5.34
C GLY A 235 -1.65 -0.63 -6.20
N VAL A 236 -1.16 -1.72 -5.59
CA VAL A 236 -0.95 -2.97 -6.31
C VAL A 236 -1.47 -4.14 -5.47
N ALA A 237 -2.02 -5.13 -6.17
CA ALA A 237 -2.39 -6.37 -5.51
C ALA A 237 -2.33 -7.50 -6.52
N VAL A 238 -2.38 -8.73 -6.00
CA VAL A 238 -2.38 -9.96 -6.81
C VAL A 238 -3.75 -10.62 -6.75
N LEU A 239 -4.24 -11.04 -7.91
CA LEU A 239 -5.53 -11.73 -7.96
C LEU A 239 -5.47 -12.72 -9.10
N HIS A 240 -5.66 -14.01 -8.79
CA HIS A 240 -5.69 -15.06 -9.80
C HIS A 240 -4.41 -15.07 -10.63
N ASN A 241 -3.27 -15.03 -9.95
CA ASN A 241 -1.95 -15.16 -10.57
C ASN A 241 -1.57 -13.98 -11.45
N ALA A 242 -2.28 -12.85 -11.37
CA ALA A 242 -1.87 -11.64 -12.07
C ALA A 242 -1.68 -10.50 -11.07
N ILE A 243 -0.80 -9.56 -11.41
CA ILE A 243 -0.55 -8.38 -10.60
C ILE A 243 -1.28 -7.19 -11.23
N TYR A 244 -2.06 -6.47 -10.42
CA TYR A 244 -2.79 -5.29 -10.87
C TYR A 244 -2.14 -4.05 -10.29
N ALA A 245 -1.93 -3.04 -11.14
CA ALA A 245 -1.48 -1.71 -10.73
C ALA A 245 -2.58 -0.71 -11.04
N ALA A 246 -3.10 -0.03 -10.01
CA ALA A 246 -4.27 0.83 -10.14
C ALA A 246 -3.94 2.26 -9.69
N GLY A 247 -4.40 3.23 -10.47
CA GLY A 247 -4.26 4.61 -10.04
C GLY A 247 -2.81 5.12 -9.99
N GLY A 248 -2.63 6.14 -9.16
CA GLY A 248 -1.34 6.81 -9.08
C GLY A 248 -1.31 8.15 -9.77
N TYR A 249 -0.08 8.58 -10.05
CA TYR A 249 0.24 9.91 -10.57
C TYR A 249 1.36 9.71 -11.56
N ASP A 250 1.20 10.23 -12.79
CA ASP A 250 2.18 10.01 -13.84
C ASP A 250 3.15 11.18 -14.00
N GLY A 251 3.14 12.15 -13.09
CA GLY A 251 3.95 13.34 -13.26
C GLY A 251 3.17 14.56 -13.71
N GLN A 252 1.92 14.37 -14.14
CA GLN A 252 1.06 15.47 -14.58
C GLN A 252 -0.37 15.30 -14.04
N ASP A 253 -0.89 14.06 -14.07
CA ASP A 253 -2.29 13.80 -13.70
C ASP A 253 -2.40 12.64 -12.73
N GLN A 254 -3.39 12.73 -11.83
CA GLN A 254 -3.87 11.57 -11.09
C GLN A 254 -4.57 10.64 -12.08
N LEU A 255 -4.43 9.34 -11.85
CA LEU A 255 -4.86 8.33 -12.82
C LEU A 255 -6.04 7.52 -12.29
N ASN A 256 -6.96 7.21 -13.20
CA ASN A 256 -7.93 6.15 -12.95
C ASN A 256 -7.61 4.88 -13.72
N SER A 257 -6.58 4.89 -14.57
CA SER A 257 -6.28 3.67 -15.33
C SER A 257 -5.75 2.57 -14.41
N VAL A 258 -5.88 1.34 -14.89
CA VAL A 258 -5.51 0.11 -14.17
C VAL A 258 -4.85 -0.82 -15.18
N GLU A 259 -3.67 -1.35 -14.84
CA GLU A 259 -3.01 -2.33 -15.70
C GLU A 259 -2.81 -3.64 -14.97
N ARG A 260 -2.79 -4.73 -15.76
CA ARG A 260 -2.69 -6.08 -15.21
C ARG A 260 -1.48 -6.76 -15.81
N TYR A 261 -0.62 -7.28 -14.96
CA TYR A 261 0.59 -7.95 -15.40
C TYR A 261 0.32 -9.44 -15.43
N ASP A 262 0.59 -10.05 -16.59
CA ASP A 262 0.45 -11.52 -16.77
C ASP A 262 1.85 -12.10 -16.66
N VAL A 263 2.08 -12.97 -15.70
CA VAL A 263 3.46 -13.47 -15.42
C VAL A 263 3.94 -14.42 -16.52
N GLU A 264 3.00 -15.05 -17.22
CA GLU A 264 3.38 -15.93 -18.35
C GLU A 264 3.90 -15.09 -19.50
N THR A 265 3.09 -14.15 -19.99
CA THR A 265 3.50 -13.37 -21.17
C THR A 265 4.39 -12.19 -20.79
N GLU A 266 4.67 -12.01 -19.50
CA GLU A 266 5.43 -10.83 -19.08
C GLU A 266 4.92 -9.56 -19.75
N THR A 267 3.61 -9.46 -19.90
CA THR A 267 2.96 -8.31 -20.53
C THR A 267 2.03 -7.62 -19.54
N TRP A 268 2.08 -6.27 -19.54
CA TRP A 268 1.08 -5.44 -18.89
C TRP A 268 0.02 -5.05 -19.91
N THR A 269 -1.25 -5.19 -19.53
CA THR A 269 -2.35 -4.77 -20.39
C THR A 269 -3.34 -3.98 -19.57
N PHE A 270 -3.96 -2.97 -20.18
CA PHE A 270 -4.96 -2.18 -19.49
C PHE A 270 -6.23 -3.00 -19.30
N VAL A 271 -6.84 -2.87 -18.12
CA VAL A 271 -8.21 -3.37 -17.91
C VAL A 271 -9.13 -2.17 -17.72
N ALA A 272 -10.39 -2.40 -17.32
CA ALA A 272 -11.31 -1.29 -17.14
C ALA A 272 -10.73 -0.27 -16.17
N PRO A 273 -10.85 1.03 -16.43
CA PRO A 273 -10.40 2.04 -15.46
C PRO A 273 -11.36 2.17 -14.28
N MET A 274 -10.83 2.66 -13.15
CA MET A 274 -11.74 2.99 -12.07
C MET A 274 -12.58 4.21 -12.44
N LYS A 275 -13.71 4.37 -11.71
CA LYS A 275 -14.54 5.54 -11.92
C LYS A 275 -13.89 6.82 -11.41
N HIS A 276 -13.11 6.72 -10.33
CA HIS A 276 -12.42 7.87 -9.76
C HIS A 276 -10.92 7.79 -10.04
N ARG A 277 -10.31 8.93 -10.42
CA ARG A 277 -8.85 9.10 -10.36
C ARG A 277 -8.38 9.12 -8.92
N ARG A 278 -7.34 8.33 -8.62
CA ARG A 278 -6.88 8.17 -7.24
C ARG A 278 -5.37 8.07 -7.21
N SER A 279 -4.72 9.11 -6.71
N SER A 279 -4.74 9.11 -6.70
CA SER A 279 -3.31 9.00 -6.35
CA SER A 279 -3.34 9.01 -6.33
C SER A 279 -3.21 8.84 -4.84
C SER A 279 -3.26 8.79 -4.83
N ALA A 280 -2.27 8.02 -4.39
CA ALA A 280 -2.09 7.69 -2.96
C ALA A 280 -3.35 7.00 -2.39
N LEU A 281 -3.88 6.07 -3.17
CA LEU A 281 -4.99 5.20 -2.77
C LEU A 281 -4.44 3.97 -2.04
N GLY A 282 -5.35 3.22 -1.40
CA GLY A 282 -5.05 1.87 -0.94
C GLY A 282 -5.71 0.87 -1.88
N ILE A 283 -5.04 -0.27 -2.10
CA ILE A 283 -5.55 -1.36 -2.95
C ILE A 283 -5.40 -2.67 -2.17
N THR A 284 -6.48 -3.46 -2.12
CA THR A 284 -6.37 -4.80 -1.50
C THR A 284 -7.32 -5.76 -2.22
N VAL A 285 -7.11 -7.06 -2.03
CA VAL A 285 -7.99 -8.08 -2.65
C VAL A 285 -8.88 -8.66 -1.56
N HIS A 286 -10.18 -8.60 -1.79
CA HIS A 286 -11.12 -9.22 -0.83
C HIS A 286 -12.16 -9.95 -1.65
CA CA B . -14.76 -17.23 -14.07
CA CA C . -12.08 -13.41 18.64
CA CA D . 14.16 -21.65 0.09
#